data_6VNS
#
_entry.id   6VNS
#
_cell.length_a   36.431
_cell.length_b   73.126
_cell.length_c   102.681
_cell.angle_alpha   90.000
_cell.angle_beta   90.000
_cell.angle_gamma   90.000
#
_symmetry.space_group_name_H-M   'P 21 21 21'
#
loop_
_entity.id
_entity.type
_entity.pdbx_description
1 polymer 'Non-receptor tyrosine-protein kinase TYK2'
2 non-polymer (1R,2R)-2-cyano-N-[(1S,5R)-3-(5-fluoro-2-{[1-(2-hydroxyethyl)-1H-pyrazol-4-yl]amino}pyrimidin-4-yl)-3-azabicyclo[3.1.0]hexan-1-yl]cyclopropane-1-carboxamide
3 water water
#
_entity_poly.entity_id   1
_entity_poly.type   'polypeptide(L)'
_entity_poly.pdbx_seq_one_letter_code
;MAHHHHHHHHHHGALEVLFQGPGDPTVFHKRYLKKIRDLGEGHFGKVSLYCYDPTNDGTGEMVAVKALKADAGPQHRSGW
KQEIDILRTLYHEHIIKYKGCCEDAGAASLQLVMEYVPLGSLRDYLPRHSIGLAQLLLFAQQICEGMAYLHSQHYIHRDL
AARNVLLDNDRLVKIGDFGLAKAVPEGHE(PTR)YRVREDGDSPVFWYAPECLKEYKFYYASDVWSFGVTLYELLTHCDS
SQSPPTKFLELIGIAQGQMTVLRLTELLERGERLPRPDKCPAEVYHLMKNCWETEASFRPTFENLIPILKTVHEKYQGQA
PS
;
_entity_poly.pdbx_strand_id   A
#
loop_
_chem_comp.id
_chem_comp.type
_chem_comp.name
_chem_comp.formula
R5D non-polymer (1R,2R)-2-cyano-N-[(1S,5R)-3-(5-fluoro-2-{[1-(2-hydroxyethyl)-1H-pyrazol-4-yl]amino}pyrimidin-4-yl)-3-azabicyclo[3.1.0]hexan-1-yl]cyclopropane-1-carboxamide 'C19 H21 F N8 O2'
#
# COMPACT_ATOMS: atom_id res chain seq x y z
N PRO A 25 4.39 -10.34 -21.03
CA PRO A 25 4.71 -11.42 -21.99
C PRO A 25 5.98 -12.20 -21.63
N THR A 26 6.98 -11.53 -20.99
CA THR A 26 8.26 -12.12 -20.56
C THR A 26 8.00 -13.36 -19.71
N VAL A 27 8.68 -14.45 -20.08
CA VAL A 27 8.58 -15.70 -19.36
C VAL A 27 9.88 -16.00 -18.65
N PHE A 28 9.78 -16.36 -17.37
CA PHE A 28 10.92 -16.73 -16.55
C PHE A 28 11.01 -18.25 -16.54
N HIS A 29 12.21 -18.76 -16.78
CA HIS A 29 12.42 -20.20 -16.76
C HIS A 29 12.80 -20.59 -15.34
N LYS A 30 11.90 -21.32 -14.67
CA LYS A 30 12.06 -21.74 -13.27
C LYS A 30 13.41 -22.41 -12.94
N ARG A 31 14.09 -23.00 -13.97
CA ARG A 31 15.39 -23.63 -13.81
C ARG A 31 16.53 -22.66 -13.42
N TYR A 32 16.37 -21.36 -13.70
CA TYR A 32 17.38 -20.37 -13.32
C TYR A 32 17.05 -19.57 -12.06
N LEU A 33 15.91 -19.90 -11.42
CA LEU A 33 15.40 -19.24 -10.21
C LEU A 33 15.93 -19.86 -8.94
N LYS A 34 16.79 -19.14 -8.22
CA LYS A 34 17.29 -19.63 -6.94
C LYS A 34 16.75 -18.70 -5.86
N LYS A 35 16.02 -19.27 -4.89
CA LYS A 35 15.44 -18.58 -3.72
C LYS A 35 16.54 -18.11 -2.78
N ILE A 36 16.51 -16.83 -2.40
CA ILE A 36 17.46 -16.24 -1.47
C ILE A 36 16.78 -16.10 -0.09
N ARG A 37 15.64 -15.36 -0.02
CA ARG A 37 14.94 -15.12 1.25
C ARG A 37 13.48 -14.73 1.03
N ASP A 38 12.64 -14.86 2.08
CA ASP A 38 11.27 -14.36 2.04
C ASP A 38 11.31 -12.83 2.19
N LEU A 39 10.44 -12.12 1.43
CA LEU A 39 10.32 -10.65 1.44
C LEU A 39 9.06 -10.16 2.11
N GLY A 40 8.05 -11.01 2.19
CA GLY A 40 6.79 -10.72 2.84
C GLY A 40 5.81 -11.82 2.60
N GLU A 41 4.76 -11.88 3.42
CA GLU A 41 3.72 -12.87 3.23
C GLU A 41 2.36 -12.40 3.69
N GLY A 42 1.34 -12.95 3.07
CA GLY A 42 -0.05 -12.64 3.39
C GLY A 42 -0.80 -13.92 3.62
N HIS A 43 -2.10 -13.80 3.76
CA HIS A 43 -2.97 -14.92 4.01
C HIS A 43 -2.92 -15.97 2.90
N PHE A 44 -3.00 -15.52 1.63
CA PHE A 44 -3.06 -16.43 0.50
C PHE A 44 -1.86 -16.32 -0.46
N GLY A 45 -0.80 -15.67 -0.01
CA GLY A 45 0.39 -15.52 -0.83
C GLY A 45 1.67 -15.26 -0.11
N LYS A 46 2.76 -15.24 -0.87
CA LYS A 46 4.09 -14.95 -0.34
C LYS A 46 4.91 -14.27 -1.43
N VAL A 47 5.79 -13.35 -1.02
CA VAL A 47 6.72 -12.69 -1.90
C VAL A 47 8.14 -13.13 -1.41
N SER A 48 8.97 -13.62 -2.34
CA SER A 48 10.33 -14.08 -2.06
C SER A 48 11.36 -13.47 -2.99
N LEU A 49 12.60 -13.30 -2.49
CA LEU A 49 13.68 -12.74 -3.28
C LEU A 49 14.38 -13.89 -3.97
N TYR A 50 14.58 -13.76 -5.28
CA TYR A 50 15.24 -14.77 -6.09
C TYR A 50 16.35 -14.18 -6.93
N CYS A 51 17.39 -14.99 -7.15
CA CYS A 51 18.44 -14.62 -8.08
C CYS A 51 18.03 -15.39 -9.35
N TYR A 52 17.92 -14.67 -10.46
CA TYR A 52 17.57 -15.29 -11.73
C TYR A 52 18.85 -15.31 -12.55
N ASP A 53 19.58 -16.42 -12.48
CA ASP A 53 20.90 -16.51 -13.11
C ASP A 53 21.03 -17.51 -14.27
N PRO A 54 20.67 -17.10 -15.52
CA PRO A 54 20.78 -18.02 -16.65
C PRO A 54 22.21 -18.10 -17.19
N THR A 55 23.09 -18.64 -16.32
CA THR A 55 24.53 -18.89 -16.43
C THR A 55 24.89 -19.59 -15.10
N ASN A 56 25.37 -18.77 -14.13
CA ASN A 56 25.82 -19.04 -12.75
C ASN A 56 26.79 -17.91 -12.41
N ASP A 57 27.32 -17.27 -13.48
CA ASP A 57 28.27 -16.17 -13.43
C ASP A 57 27.63 -14.85 -12.92
N GLY A 58 28.44 -13.78 -12.81
CA GLY A 58 28.03 -12.47 -12.31
C GLY A 58 27.11 -11.60 -13.13
N THR A 59 26.33 -12.18 -14.04
CA THR A 59 25.36 -11.41 -14.83
C THR A 59 23.95 -11.59 -14.22
N GLY A 60 23.93 -12.10 -12.98
CA GLY A 60 22.72 -12.39 -12.22
C GLY A 60 21.85 -11.20 -11.87
N GLU A 61 20.53 -11.37 -12.05
CA GLU A 61 19.55 -10.35 -11.73
C GLU A 61 18.75 -10.74 -10.49
N MET A 62 18.50 -9.77 -9.60
CA MET A 62 17.72 -10.03 -8.40
C MET A 62 16.26 -9.68 -8.65
N VAL A 63 15.35 -10.62 -8.37
CA VAL A 63 13.91 -10.43 -8.59
C VAL A 63 13.04 -10.78 -7.40
N ALA A 64 11.90 -10.06 -7.30
CA ALA A 64 10.87 -10.27 -6.30
C ALA A 64 9.81 -11.14 -6.95
N VAL A 65 9.59 -12.35 -6.43
CA VAL A 65 8.59 -13.26 -7.01
C VAL A 65 7.44 -13.49 -6.03
N LYS A 66 6.22 -13.10 -6.44
CA LYS A 66 4.96 -13.24 -5.70
C LYS A 66 4.19 -14.48 -6.19
N ALA A 67 3.82 -15.35 -5.27
CA ALA A 67 3.15 -16.59 -5.58
C ALA A 67 1.91 -16.75 -4.73
N LEU A 68 0.88 -17.31 -5.35
CA LEU A 68 -0.38 -17.60 -4.66
C LEU A 68 -0.24 -18.98 -4.05
N LYS A 69 -0.72 -19.13 -2.82
CA LYS A 69 -0.68 -20.41 -2.13
C LYS A 69 -1.57 -21.42 -2.87
N ALA A 70 -1.09 -22.65 -2.97
CA ALA A 70 -1.75 -23.74 -3.68
C ALA A 70 -3.18 -24.03 -3.17
N ASP A 71 -3.42 -23.83 -1.86
CA ASP A 71 -4.71 -24.07 -1.18
C ASP A 71 -5.75 -22.95 -1.36
N ALA A 72 -5.37 -21.85 -2.03
CA ALA A 72 -6.27 -20.72 -2.29
C ALA A 72 -7.47 -21.15 -3.15
N GLY A 73 -8.64 -20.64 -2.78
CA GLY A 73 -9.92 -20.92 -3.44
C GLY A 73 -10.13 -20.22 -4.78
N PRO A 74 -11.31 -20.45 -5.42
CA PRO A 74 -11.59 -19.81 -6.72
C PRO A 74 -11.66 -18.28 -6.70
N GLN A 75 -12.23 -17.69 -5.63
CA GLN A 75 -12.35 -16.22 -5.47
C GLN A 75 -10.96 -15.57 -5.46
N HIS A 76 -9.99 -16.21 -4.76
CA HIS A 76 -8.61 -15.75 -4.67
C HIS A 76 -7.83 -16.02 -5.94
N ARG A 77 -8.09 -17.16 -6.62
CA ARG A 77 -7.45 -17.52 -7.90
C ARG A 77 -7.85 -16.62 -9.03
N SER A 78 -9.13 -16.19 -9.07
CA SER A 78 -9.61 -15.27 -10.11
C SER A 78 -9.07 -13.88 -9.82
N GLY A 79 -9.01 -13.50 -8.54
CA GLY A 79 -8.46 -12.23 -8.09
C GLY A 79 -6.97 -12.12 -8.38
N TRP A 80 -6.25 -13.28 -8.29
CA TRP A 80 -4.83 -13.37 -8.60
C TRP A 80 -4.55 -13.01 -10.08
N LYS A 81 -5.30 -13.64 -11.01
CA LYS A 81 -5.16 -13.40 -12.45
C LYS A 81 -5.43 -11.95 -12.79
N GLN A 82 -6.36 -11.32 -12.06
CA GLN A 82 -6.70 -9.90 -12.19
C GLN A 82 -5.56 -9.02 -11.67
N GLU A 83 -4.88 -9.47 -10.59
CA GLU A 83 -3.76 -8.71 -10.01
C GLU A 83 -2.58 -8.67 -10.98
N ILE A 84 -2.20 -9.84 -11.52
CA ILE A 84 -1.16 -9.98 -12.54
C ILE A 84 -1.46 -9.05 -13.74
N ASP A 85 -2.72 -9.04 -14.24
CA ASP A 85 -3.14 -8.18 -15.35
C ASP A 85 -3.01 -6.69 -14.99
N ILE A 86 -3.44 -6.30 -13.77
CA ILE A 86 -3.31 -4.92 -13.27
C ILE A 86 -1.84 -4.42 -13.29
N LEU A 87 -0.89 -5.23 -12.80
CA LEU A 87 0.51 -4.83 -12.77
C LEU A 87 1.14 -4.69 -14.18
N ARG A 88 0.64 -5.47 -15.15
CA ARG A 88 1.06 -5.45 -16.55
C ARG A 88 0.67 -4.12 -17.19
N THR A 89 -0.56 -3.63 -16.93
CA THR A 89 -1.01 -2.33 -17.47
C THR A 89 -0.45 -1.09 -16.74
N LEU A 90 0.21 -1.26 -15.58
CA LEU A 90 0.76 -0.13 -14.82
C LEU A 90 2.24 0.13 -15.06
N TYR A 91 2.57 1.37 -15.47
CA TYR A 91 3.95 1.76 -15.70
C TYR A 91 4.14 3.20 -15.29
N HIS A 92 4.80 3.39 -14.16
CA HIS A 92 5.05 4.71 -13.56
C HIS A 92 6.31 4.59 -12.72
N GLU A 93 7.06 5.68 -12.58
CA GLU A 93 8.30 5.68 -11.79
C GLU A 93 8.12 5.32 -10.29
N HIS A 94 6.89 5.55 -9.75
CA HIS A 94 6.54 5.31 -8.35
C HIS A 94 5.66 4.11 -8.15
N ILE A 95 5.75 3.15 -9.08
CA ILE A 95 5.02 1.89 -9.05
C ILE A 95 6.09 0.83 -9.34
N ILE A 96 6.06 -0.28 -8.60
CA ILE A 96 7.00 -1.39 -8.77
C ILE A 96 6.96 -1.92 -10.24
N LYS A 97 8.14 -2.22 -10.80
CA LYS A 97 8.26 -2.72 -12.16
C LYS A 97 7.87 -4.15 -12.30
N TYR A 98 6.89 -4.40 -13.18
CA TYR A 98 6.49 -5.75 -13.55
C TYR A 98 7.68 -6.31 -14.36
N LYS A 99 8.04 -7.57 -14.16
CA LYS A 99 9.17 -8.12 -14.91
C LYS A 99 8.75 -9.29 -15.83
N GLY A 100 7.76 -10.04 -15.39
CA GLY A 100 7.24 -11.19 -16.14
C GLY A 100 6.48 -12.14 -15.27
N CYS A 101 6.28 -13.34 -15.79
CA CYS A 101 5.62 -14.42 -15.10
C CYS A 101 6.37 -15.67 -15.37
N CYS A 102 6.11 -16.69 -14.58
CA CYS A 102 6.61 -18.03 -14.81
C CYS A 102 5.58 -18.99 -14.30
N GLU A 103 5.56 -20.19 -14.88
CA GLU A 103 4.62 -21.20 -14.50
C GLU A 103 4.95 -21.67 -13.10
N ASP A 104 3.94 -21.62 -12.23
CA ASP A 104 4.02 -22.11 -10.88
C ASP A 104 3.25 -23.38 -11.00
N ALA A 105 3.96 -24.49 -11.27
CA ALA A 105 3.35 -25.81 -11.46
C ALA A 105 2.95 -26.42 -10.12
N GLY A 106 3.57 -25.94 -9.03
CA GLY A 106 3.26 -26.38 -7.68
C GLY A 106 1.93 -25.84 -7.18
N ALA A 107 1.59 -24.62 -7.61
CA ALA A 107 0.34 -23.96 -7.25
C ALA A 107 -0.67 -23.89 -8.41
N ALA A 108 -0.27 -24.34 -9.62
CA ALA A 108 -1.08 -24.35 -10.86
C ALA A 108 -1.73 -23.00 -11.18
N SER A 109 -0.87 -21.99 -11.23
CA SER A 109 -1.20 -20.61 -11.57
C SER A 109 0.07 -20.02 -12.16
N LEU A 110 0.26 -18.72 -12.03
CA LEU A 110 1.48 -18.07 -12.48
C LEU A 110 2.08 -17.40 -11.26
N GLN A 111 3.37 -17.15 -11.33
CA GLN A 111 4.08 -16.45 -10.30
C GLN A 111 4.35 -15.11 -10.90
N LEU A 112 4.05 -14.07 -10.16
CA LEU A 112 4.27 -12.71 -10.59
C LEU A 112 5.74 -12.38 -10.28
N VAL A 113 6.52 -12.04 -11.31
CA VAL A 113 7.93 -11.68 -11.18
C VAL A 113 8.04 -10.18 -11.31
N MET A 114 8.60 -9.53 -10.28
CA MET A 114 8.75 -8.07 -10.26
C MET A 114 10.20 -7.72 -9.95
N GLU A 115 10.54 -6.45 -10.05
CA GLU A 115 11.88 -6.00 -9.70
C GLU A 115 12.08 -6.11 -8.18
N TYR A 116 13.33 -6.29 -7.74
CA TYR A 116 13.67 -6.32 -6.31
C TYR A 116 13.92 -4.88 -5.88
N VAL A 117 13.10 -4.35 -4.94
CA VAL A 117 13.31 -2.97 -4.45
C VAL A 117 14.25 -3.13 -3.25
N PRO A 118 15.52 -2.66 -3.37
CA PRO A 118 16.54 -3.01 -2.37
C PRO A 118 16.38 -2.64 -0.91
N LEU A 119 15.77 -1.48 -0.58
CA LEU A 119 15.68 -1.10 0.85
C LEU A 119 14.43 -1.52 1.61
N GLY A 120 13.52 -2.22 0.91
CA GLY A 120 12.31 -2.78 1.50
C GLY A 120 11.24 -1.78 1.80
N SER A 121 10.26 -2.17 2.62
CA SER A 121 9.14 -1.30 2.94
C SER A 121 9.53 -0.21 3.93
N LEU A 122 8.80 0.90 3.92
CA LEU A 122 9.00 1.97 4.89
C LEU A 122 8.64 1.47 6.28
N ARG A 123 7.69 0.51 6.38
CA ARG A 123 7.32 -0.09 7.67
C ARG A 123 8.54 -0.76 8.32
N ASP A 124 9.38 -1.42 7.53
CA ASP A 124 10.59 -2.09 7.97
CA ASP A 124 10.57 -2.04 8.08
C ASP A 124 11.77 -1.10 8.10
N TYR A 125 11.88 -0.19 7.15
CA TYR A 125 13.01 0.73 7.14
C TYR A 125 12.94 1.88 8.18
N LEU A 126 11.80 2.58 8.28
CA LEU A 126 11.70 3.74 9.21
C LEU A 126 12.01 3.50 10.70
N PRO A 127 11.58 2.38 11.36
CA PRO A 127 11.96 2.19 12.77
C PRO A 127 13.47 2.06 13.01
N ARG A 128 14.27 1.83 11.93
CA ARG A 128 15.71 1.65 12.06
C ARG A 128 16.55 2.82 11.52
N HIS A 129 15.96 3.69 10.74
CA HIS A 129 16.69 4.80 10.15
C HIS A 129 15.93 6.07 10.38
N SER A 130 16.48 6.92 11.25
CA SER A 130 15.91 8.24 11.57
C SER A 130 16.11 9.10 10.34
N ILE A 131 15.01 9.37 9.69
CA ILE A 131 14.92 10.11 8.43
C ILE A 131 14.33 11.50 8.72
N GLY A 132 14.84 12.50 8.01
CA GLY A 132 14.41 13.87 8.17
C GLY A 132 13.00 14.09 7.64
N LEU A 133 12.29 15.07 8.21
CA LEU A 133 10.94 15.48 7.81
C LEU A 133 10.87 15.72 6.29
N ALA A 134 11.90 16.37 5.73
CA ALA A 134 12.01 16.69 4.30
C ALA A 134 11.94 15.45 3.40
N GLN A 135 12.74 14.39 3.69
CA GLN A 135 12.70 13.14 2.91
C GLN A 135 11.35 12.46 3.12
N LEU A 136 10.75 12.56 4.30
CA LEU A 136 9.42 11.99 4.55
C LEU A 136 8.35 12.61 3.63
N LEU A 137 8.36 13.95 3.47
CA LEU A 137 7.43 14.66 2.60
C LEU A 137 7.66 14.36 1.13
N LEU A 138 8.95 14.11 0.75
CA LEU A 138 9.30 13.70 -0.61
C LEU A 138 8.66 12.37 -0.89
N PHE A 139 8.76 11.42 0.05
CA PHE A 139 8.11 10.13 -0.10
C PHE A 139 6.59 10.33 -0.23
N ALA A 140 5.98 11.12 0.66
CA ALA A 140 4.55 11.46 0.65
C ALA A 140 4.10 11.93 -0.76
N GLN A 141 4.87 12.87 -1.34
CA GLN A 141 4.64 13.41 -2.70
C GLN A 141 4.71 12.30 -3.73
N GLN A 142 5.75 11.45 -3.65
CA GLN A 142 5.97 10.34 -4.58
C GLN A 142 4.85 9.32 -4.51
N ILE A 143 4.32 9.04 -3.29
CA ILE A 143 3.17 8.14 -3.12
C ILE A 143 1.95 8.72 -3.86
N CYS A 144 1.70 10.04 -3.71
CA CYS A 144 0.61 10.77 -4.40
C CYS A 144 0.70 10.73 -5.92
N GLU A 145 1.93 10.81 -6.45
CA GLU A 145 2.19 10.76 -7.90
C GLU A 145 1.86 9.37 -8.42
N GLY A 146 2.27 8.35 -7.68
CA GLY A 146 1.98 6.97 -8.02
C GLY A 146 0.49 6.66 -7.91
N MET A 147 -0.19 7.29 -6.92
CA MET A 147 -1.62 7.10 -6.68
C MET A 147 -2.49 7.87 -7.69
N ALA A 148 -2.12 9.12 -8.05
CA ALA A 148 -2.90 9.88 -9.06
C ALA A 148 -2.84 9.15 -10.37
N TYR A 149 -1.68 8.54 -10.67
CA TYR A 149 -1.50 7.73 -11.86
C TYR A 149 -2.40 6.50 -11.84
N LEU A 150 -2.47 5.77 -10.68
CA LEU A 150 -3.32 4.60 -10.52
C LEU A 150 -4.81 4.97 -10.72
N HIS A 151 -5.25 6.08 -10.13
CA HIS A 151 -6.63 6.58 -10.25
C HIS A 151 -6.95 7.06 -11.69
N SER A 152 -5.94 7.54 -12.45
CA SER A 152 -6.14 7.96 -13.85
C SER A 152 -6.42 6.75 -14.74
N GLN A 153 -5.93 5.56 -14.34
CA GLN A 153 -6.13 4.29 -15.03
C GLN A 153 -7.40 3.60 -14.57
N HIS A 154 -8.17 4.28 -13.72
CA HIS A 154 -9.46 3.82 -13.17
C HIS A 154 -9.36 2.63 -12.22
N TYR A 155 -8.29 2.62 -11.44
CA TYR A 155 -8.09 1.59 -10.42
C TYR A 155 -8.10 2.20 -9.03
N ILE A 156 -8.59 1.43 -8.02
CA ILE A 156 -8.54 1.81 -6.60
C ILE A 156 -7.52 0.84 -5.96
N HIS A 157 -6.70 1.32 -5.02
CA HIS A 157 -5.65 0.50 -4.42
C HIS A 157 -6.19 -0.42 -3.31
N ARG A 158 -6.94 0.15 -2.33
CA ARG A 158 -7.59 -0.53 -1.20
C ARG A 158 -6.65 -1.02 -0.08
N ASP A 159 -5.33 -0.87 -0.24
CA ASP A 159 -4.39 -1.36 0.79
C ASP A 159 -3.20 -0.44 0.88
N LEU A 160 -3.46 0.86 0.78
CA LEU A 160 -2.37 1.84 0.88
C LEU A 160 -1.95 1.98 2.34
N ALA A 161 -0.73 1.50 2.67
CA ALA A 161 -0.14 1.53 4.00
C ALA A 161 1.37 1.56 3.82
N ALA A 162 2.11 1.91 4.86
CA ALA A 162 3.58 1.98 4.79
C ALA A 162 4.24 0.63 4.46
N ARG A 163 3.57 -0.52 4.80
CA ARG A 163 4.10 -1.86 4.51
C ARG A 163 4.13 -2.12 3.00
N ASN A 164 3.34 -1.32 2.24
CA ASN A 164 3.24 -1.47 0.79
C ASN A 164 4.00 -0.45 -0.02
N VAL A 165 4.77 0.43 0.64
CA VAL A 165 5.57 1.48 0.02
C VAL A 165 7.04 1.05 0.17
N LEU A 166 7.68 0.72 -0.96
CA LEU A 166 9.06 0.22 -1.01
C LEU A 166 10.09 1.31 -1.27
N LEU A 167 11.26 1.21 -0.64
CA LEU A 167 12.31 2.22 -0.75
C LEU A 167 13.39 1.73 -1.69
N ASP A 168 13.59 2.43 -2.79
CA ASP A 168 14.60 2.03 -3.76
C ASP A 168 15.95 2.60 -3.30
N ASN A 169 15.97 3.91 -3.09
CA ASN A 169 17.12 4.63 -2.53
C ASN A 169 16.51 5.73 -1.67
N ASP A 170 17.33 6.48 -0.88
CA ASP A 170 16.90 7.59 0.00
C ASP A 170 16.07 8.71 -0.66
N ARG A 171 15.99 8.74 -2.00
CA ARG A 171 15.19 9.77 -2.68
C ARG A 171 14.14 9.17 -3.64
N LEU A 172 13.90 7.84 -3.57
CA LEU A 172 12.95 7.13 -4.48
C LEU A 172 12.10 6.08 -3.78
N VAL A 173 10.77 6.25 -3.85
CA VAL A 173 9.80 5.34 -3.27
C VAL A 173 8.81 4.80 -4.33
N LYS A 174 8.36 3.56 -4.14
CA LYS A 174 7.43 2.92 -5.07
C LYS A 174 6.33 2.14 -4.36
N ILE A 175 5.08 2.23 -4.90
CA ILE A 175 3.98 1.44 -4.39
C ILE A 175 4.31 0.01 -4.88
N GLY A 176 4.54 -0.89 -3.94
CA GLY A 176 5.06 -2.22 -4.24
C GLY A 176 4.17 -3.43 -4.15
N ASP A 177 2.86 -3.23 -3.95
CA ASP A 177 1.91 -4.33 -3.88
C ASP A 177 0.54 -3.86 -4.33
N PHE A 178 -0.19 -4.73 -5.07
CA PHE A 178 -1.52 -4.45 -5.61
C PHE A 178 -2.52 -5.62 -5.40
N GLY A 179 -2.36 -6.37 -4.29
CA GLY A 179 -3.19 -7.52 -3.93
C GLY A 179 -4.70 -7.29 -3.83
N LEU A 180 -5.12 -6.07 -3.50
CA LEU A 180 -6.55 -5.69 -3.36
C LEU A 180 -7.02 -4.70 -4.44
N ALA A 181 -6.12 -4.22 -5.32
CA ALA A 181 -6.47 -3.25 -6.39
C ALA A 181 -7.66 -3.74 -7.27
N LYS A 182 -8.61 -2.84 -7.58
CA LYS A 182 -9.77 -3.22 -8.39
C LYS A 182 -10.01 -2.17 -9.45
N ALA A 183 -10.59 -2.56 -10.60
CA ALA A 183 -10.97 -1.60 -11.63
C ALA A 183 -12.29 -0.97 -11.14
N VAL A 184 -12.46 0.35 -11.33
CA VAL A 184 -13.71 1.03 -10.94
C VAL A 184 -14.69 0.85 -12.13
N PRO A 185 -15.85 0.18 -11.93
CA PRO A 185 -16.82 0.00 -13.04
C PRO A 185 -17.21 1.31 -13.73
N GLU A 186 -17.12 1.32 -15.09
CA GLU A 186 -17.39 2.43 -16.03
C GLU A 186 -18.32 3.60 -15.62
N GLY A 187 -19.60 3.31 -15.38
CA GLY A 187 -20.59 4.30 -14.99
C GLY A 187 -20.86 4.33 -13.51
N HIS A 188 -19.81 4.13 -12.71
CA HIS A 188 -19.87 4.11 -11.26
C HIS A 188 -18.68 4.85 -10.68
N GLU A 189 -18.90 5.46 -9.50
CA GLU A 189 -17.92 6.26 -8.78
C GLU A 189 -17.18 5.44 -7.69
N PTR A 190 -17.66 4.22 -7.43
CA PTR A 190 -17.02 3.36 -6.44
C PTR A 190 -17.13 1.88 -6.80
O PTR A 190 -17.86 1.49 -7.71
CB PTR A 190 -17.83 3.58 -5.12
CG PTR A 190 -19.32 3.23 -5.24
CD1 PTR A 190 -20.28 4.24 -5.45
CD2 PTR A 190 -19.75 1.90 -5.12
CE1 PTR A 190 -21.64 3.93 -5.56
CE2 PTR A 190 -21.10 1.57 -5.25
CZ PTR A 190 -22.06 2.58 -5.47
OH PTR A 190 -23.40 2.19 -5.55
P PTR A 190 -24.03 2.34 -6.99
O1P PTR A 190 -25.31 1.52 -7.07
O2P PTR A 190 -24.28 3.84 -7.31
O3P PTR A 190 -23.12 1.78 -8.07
N TYR A 191 -16.44 1.07 -6.02
CA TYR A 191 -16.48 -0.39 -6.10
C TYR A 191 -17.14 -0.85 -4.78
N ARG A 192 -18.02 -1.88 -4.84
CA ARG A 192 -18.72 -2.50 -3.69
C ARG A 192 -17.82 -3.62 -3.23
N VAL A 193 -17.38 -3.55 -1.96
CA VAL A 193 -16.34 -4.41 -1.39
C VAL A 193 -16.63 -5.85 -0.89
N ARG A 194 -17.60 -6.04 0.03
CA ARG A 194 -17.86 -7.37 0.65
C ARG A 194 -16.69 -7.69 1.65
N GLU A 195 -16.61 -6.92 2.77
CA GLU A 195 -15.59 -6.98 3.86
C GLU A 195 -15.22 -8.38 4.40
N ASP A 196 -13.90 -8.66 4.45
CA ASP A 196 -13.30 -9.93 4.90
C ASP A 196 -12.45 -9.72 6.17
N GLY A 197 -11.89 -10.80 6.71
CA GLY A 197 -11.00 -10.75 7.88
C GLY A 197 -9.63 -10.16 7.59
N ASP A 198 -9.28 -10.05 6.30
CA ASP A 198 -8.01 -9.48 5.80
C ASP A 198 -8.15 -8.01 5.47
N SER A 199 -9.36 -7.44 5.67
CA SER A 199 -9.57 -6.04 5.35
C SER A 199 -8.77 -5.13 6.29
N PRO A 200 -7.92 -4.24 5.75
CA PRO A 200 -7.10 -3.38 6.63
C PRO A 200 -7.95 -2.22 7.18
N VAL A 201 -8.89 -2.55 8.07
CA VAL A 201 -9.87 -1.65 8.70
C VAL A 201 -9.30 -0.41 9.36
N PHE A 202 -8.07 -0.50 9.89
CA PHE A 202 -7.43 0.62 10.57
C PHE A 202 -6.87 1.68 9.62
N TRP A 203 -6.95 1.42 8.29
CA TRP A 203 -6.49 2.35 7.25
C TRP A 203 -7.72 2.79 6.39
N TYR A 204 -8.93 2.35 6.79
CA TYR A 204 -10.20 2.55 6.07
C TYR A 204 -11.09 3.70 6.50
N ALA A 205 -11.65 4.39 5.50
CA ALA A 205 -12.56 5.52 5.66
C ALA A 205 -13.92 5.04 6.16
N PRO A 206 -14.75 5.87 6.83
CA PRO A 206 -16.05 5.38 7.32
C PRO A 206 -16.98 4.75 6.28
N GLU A 207 -17.00 5.30 5.05
CA GLU A 207 -17.86 4.80 3.95
C GLU A 207 -17.54 3.35 3.50
N CYS A 208 -16.28 2.89 3.71
CA CYS A 208 -15.83 1.54 3.39
C CYS A 208 -16.36 0.59 4.48
N LEU A 209 -16.15 0.97 5.75
CA LEU A 209 -16.53 0.22 6.95
C LEU A 209 -18.03 0.06 7.13
N LYS A 210 -18.79 1.12 6.80
CA LYS A 210 -20.24 1.27 6.97
C LYS A 210 -21.10 0.85 5.77
N GLU A 211 -20.90 1.50 4.60
CA GLU A 211 -21.68 1.32 3.37
C GLU A 211 -21.13 0.31 2.39
N TYR A 212 -19.97 -0.30 2.71
CA TYR A 212 -19.27 -1.25 1.86
C TYR A 212 -18.95 -0.71 0.46
N LYS A 213 -18.62 0.58 0.38
CA LYS A 213 -18.27 1.23 -0.89
C LYS A 213 -16.86 1.84 -0.81
N PHE A 214 -16.03 1.53 -1.79
CA PHE A 214 -14.67 2.06 -1.87
C PHE A 214 -14.60 3.04 -3.04
N TYR A 215 -14.38 4.34 -2.73
CA TYR A 215 -14.30 5.42 -3.71
C TYR A 215 -12.83 5.74 -3.98
N TYR A 216 -12.56 6.66 -4.92
CA TYR A 216 -11.19 7.08 -5.16
C TYR A 216 -10.73 7.81 -3.90
N ALA A 217 -11.63 8.57 -3.27
CA ALA A 217 -11.44 9.34 -2.03
C ALA A 217 -11.15 8.46 -0.81
N SER A 218 -11.60 7.18 -0.84
CA SER A 218 -11.32 6.17 0.18
C SER A 218 -9.82 5.87 0.20
N ASP A 219 -9.15 5.84 -0.97
CA ASP A 219 -7.69 5.71 -1.01
C ASP A 219 -7.00 6.90 -0.39
N VAL A 220 -7.56 8.14 -0.58
CA VAL A 220 -6.99 9.39 -0.01
C VAL A 220 -7.00 9.33 1.51
N TRP A 221 -8.06 8.74 2.11
CA TRP A 221 -8.14 8.51 3.56
C TRP A 221 -6.95 7.62 4.00
N SER A 222 -6.73 6.49 3.29
CA SER A 222 -5.63 5.54 3.56
C SER A 222 -4.26 6.23 3.39
N PHE A 223 -4.16 7.17 2.41
CA PHE A 223 -2.94 7.97 2.27
C PHE A 223 -2.69 8.78 3.52
N GLY A 224 -3.73 9.36 4.10
CA GLY A 224 -3.61 10.12 5.34
C GLY A 224 -3.07 9.25 6.48
N VAL A 225 -3.50 8.00 6.52
CA VAL A 225 -3.05 7.03 7.52
C VAL A 225 -1.58 6.68 7.22
N THR A 226 -1.21 6.49 5.95
CA THR A 226 0.17 6.21 5.52
C THR A 226 1.07 7.42 5.88
N LEU A 227 0.58 8.64 5.69
CA LEU A 227 1.34 9.84 6.03
C LEU A 227 1.60 9.86 7.56
N TYR A 228 0.56 9.57 8.38
CA TYR A 228 0.68 9.42 9.84
C TYR A 228 1.77 8.36 10.20
N GLU A 229 1.81 7.20 9.48
CA GLU A 229 2.82 6.16 9.73
C GLU A 229 4.22 6.69 9.53
N LEU A 230 4.43 7.40 8.40
CA LEU A 230 5.73 7.97 8.03
C LEU A 230 6.19 8.97 9.08
N LEU A 231 5.29 9.86 9.51
CA LEU A 231 5.59 10.85 10.54
C LEU A 231 5.86 10.27 11.92
N THR A 232 5.40 9.03 12.22
CA THR A 232 5.69 8.32 13.48
C THR A 232 6.90 7.39 13.31
N HIS A 233 7.55 7.45 12.13
CA HIS A 233 8.67 6.58 11.71
C HIS A 233 8.27 5.09 11.81
N CYS A 234 6.98 4.79 11.57
CA CYS A 234 6.41 3.43 11.65
C CYS A 234 6.68 2.72 12.99
N ASP A 235 6.67 3.48 14.09
CA ASP A 235 6.86 2.96 15.46
C ASP A 235 5.64 2.16 15.82
N SER A 236 5.81 0.87 16.19
CA SER A 236 4.71 -0.06 16.52
C SER A 236 3.78 0.42 17.61
N SER A 237 4.34 1.05 18.66
CA SER A 237 3.53 1.56 19.75
C SER A 237 2.66 2.75 19.29
N GLN A 238 2.98 3.33 18.12
CA GLN A 238 2.17 4.45 17.61
C GLN A 238 1.32 4.04 16.40
N SER A 239 1.41 2.78 16.00
CA SER A 239 0.73 2.29 14.80
C SER A 239 -0.81 2.51 14.81
N PRO A 240 -1.48 2.63 13.63
CA PRO A 240 -2.95 2.74 13.63
C PRO A 240 -3.66 1.61 14.43
N PRO A 241 -3.36 0.29 14.26
CA PRO A 241 -4.05 -0.72 15.10
C PRO A 241 -3.82 -0.50 16.60
N THR A 242 -2.58 -0.18 17.03
CA THR A 242 -2.28 0.06 18.46
C THR A 242 -3.10 1.23 19.02
N LYS A 243 -3.03 2.39 18.35
CA LYS A 243 -3.70 3.62 18.76
C LYS A 243 -5.21 3.45 18.73
N PHE A 244 -5.78 2.86 17.66
CA PHE A 244 -7.24 2.66 17.62
C PHE A 244 -7.77 1.63 18.63
N LEU A 245 -7.00 0.56 18.91
CA LEU A 245 -7.43 -0.45 19.85
C LEU A 245 -7.36 0.05 21.29
N GLU A 246 -6.47 1.03 21.58
CA GLU A 246 -6.42 1.71 22.89
C GLU A 246 -7.73 2.51 23.08
N LEU A 247 -8.25 3.14 22.00
CA LEU A 247 -9.48 3.95 21.97
C LEU A 247 -10.76 3.12 22.05
N ILE A 248 -10.74 1.90 21.51
CA ILE A 248 -11.90 1.00 21.44
C ILE A 248 -11.93 0.06 22.63
N GLY A 249 -10.76 -0.47 23.01
CA GLY A 249 -10.62 -1.48 24.05
C GLY A 249 -10.63 -2.87 23.44
N ILE A 250 -10.28 -3.90 24.22
CA ILE A 250 -10.19 -5.26 23.68
C ILE A 250 -11.29 -6.26 24.06
N ALA A 251 -12.13 -5.94 25.04
CA ALA A 251 -13.21 -6.84 25.46
C ALA A 251 -14.52 -6.47 24.75
N GLN A 252 -14.46 -6.20 23.43
CA GLN A 252 -15.57 -5.73 22.62
C GLN A 252 -16.25 -6.76 21.70
N GLY A 253 -16.05 -8.06 21.99
CA GLY A 253 -16.62 -9.14 21.17
C GLY A 253 -16.32 -8.94 19.68
N GLN A 254 -17.33 -9.15 18.84
CA GLN A 254 -17.27 -8.95 17.38
C GLN A 254 -17.46 -7.46 16.99
N MET A 255 -17.29 -6.51 17.94
CA MET A 255 -17.58 -5.10 17.67
C MET A 255 -16.45 -4.12 17.46
N THR A 256 -15.23 -4.59 17.17
CA THR A 256 -14.12 -3.66 16.93
C THR A 256 -14.47 -2.67 15.82
N VAL A 257 -14.95 -3.19 14.68
CA VAL A 257 -15.28 -2.39 13.49
C VAL A 257 -16.43 -1.42 13.76
N LEU A 258 -17.46 -1.85 14.50
CA LEU A 258 -18.58 -0.97 14.83
C LEU A 258 -18.14 0.16 15.69
N ARG A 259 -17.30 -0.16 16.72
CA ARG A 259 -16.73 0.87 17.60
C ARG A 259 -15.81 1.80 16.82
N LEU A 260 -15.00 1.24 15.87
CA LEU A 260 -14.12 2.03 15.02
C LEU A 260 -14.99 3.02 14.23
N THR A 261 -16.05 2.52 13.57
CA THR A 261 -16.96 3.33 12.78
C THR A 261 -17.52 4.54 13.60
N GLU A 262 -17.99 4.29 14.84
CA GLU A 262 -18.58 5.34 15.66
C GLU A 262 -17.59 6.32 16.28
N LEU A 263 -16.36 5.89 16.58
CA LEU A 263 -15.37 6.85 17.05
C LEU A 263 -14.99 7.83 15.90
N LEU A 264 -14.90 7.31 14.66
CA LEU A 264 -14.57 8.10 13.47
C LEU A 264 -15.69 9.09 13.17
N GLU A 265 -16.94 8.67 13.39
CA GLU A 265 -18.10 9.53 13.19
C GLU A 265 -18.29 10.62 14.24
N ARG A 266 -17.66 10.46 15.43
CA ARG A 266 -17.62 11.47 16.49
C ARG A 266 -16.46 12.46 16.22
N GLY A 267 -15.69 12.19 15.17
CA GLY A 267 -14.58 13.05 14.77
C GLY A 267 -13.26 12.72 15.43
N GLU A 268 -13.18 11.58 16.16
CA GLU A 268 -11.95 11.14 16.78
C GLU A 268 -11.03 10.66 15.68
N ARG A 269 -9.74 10.95 15.84
CA ARG A 269 -8.74 10.67 14.84
C ARG A 269 -7.47 10.27 15.49
N LEU A 270 -6.53 9.68 14.73
CA LEU A 270 -5.18 9.36 15.20
C LEU A 270 -4.52 10.69 15.66
N PRO A 271 -3.67 10.68 16.70
CA PRO A 271 -3.10 11.95 17.17
C PRO A 271 -2.04 12.53 16.25
N ARG A 272 -1.65 13.76 16.58
CA ARG A 272 -0.60 14.46 15.89
C ARG A 272 0.70 13.80 16.33
N PRO A 273 1.49 13.30 15.38
CA PRO A 273 2.75 12.65 15.74
C PRO A 273 3.74 13.68 16.28
N ASP A 274 4.58 13.25 17.23
CA ASP A 274 5.67 14.02 17.82
C ASP A 274 6.50 14.62 16.67
N LYS A 275 6.82 15.92 16.76
CA LYS A 275 7.59 16.66 15.75
C LYS A 275 6.89 16.81 14.39
N CYS A 276 5.57 16.48 14.29
CA CYS A 276 4.86 16.70 13.02
C CYS A 276 4.42 18.16 12.95
N PRO A 277 4.77 18.93 11.90
CA PRO A 277 4.29 20.33 11.85
C PRO A 277 2.78 20.41 11.79
N ALA A 278 2.22 21.52 12.30
CA ALA A 278 0.79 21.74 12.36
C ALA A 278 0.14 21.72 10.96
N GLU A 279 0.80 22.28 9.93
CA GLU A 279 0.27 22.30 8.55
C GLU A 279 0.07 20.90 7.94
N VAL A 280 1.06 20.01 8.12
CA VAL A 280 1.07 18.62 7.66
C VAL A 280 0.02 17.79 8.43
N TYR A 281 -0.14 18.04 9.76
CA TYR A 281 -1.18 17.41 10.56
C TYR A 281 -2.56 17.82 10.05
N HIS A 282 -2.70 19.08 9.60
CA HIS A 282 -3.94 19.62 9.05
C HIS A 282 -4.23 18.99 7.71
N LEU A 283 -3.18 18.73 6.91
CA LEU A 283 -3.32 18.04 5.63
C LEU A 283 -3.82 16.61 5.91
N MET A 284 -3.24 15.90 6.91
CA MET A 284 -3.64 14.54 7.34
C MET A 284 -5.12 14.54 7.68
N LYS A 285 -5.55 15.52 8.49
CA LYS A 285 -6.94 15.70 8.92
C LYS A 285 -7.86 15.98 7.74
N ASN A 286 -7.35 16.66 6.68
CA ASN A 286 -8.11 16.95 5.47
C ASN A 286 -8.30 15.68 4.61
N CYS A 287 -7.33 14.75 4.62
CA CYS A 287 -7.46 13.43 3.98
C CYS A 287 -8.46 12.59 4.76
N TRP A 288 -8.59 12.87 6.07
CA TRP A 288 -9.48 12.17 6.97
C TRP A 288 -10.82 12.85 7.17
N GLU A 289 -11.33 13.62 6.18
CA GLU A 289 -12.66 14.23 6.31
C GLU A 289 -13.67 13.10 6.30
N THR A 290 -14.67 13.13 7.22
CA THR A 290 -15.73 12.13 7.24
C THR A 290 -16.48 12.11 5.90
N GLU A 291 -16.82 13.29 5.37
CA GLU A 291 -17.46 13.45 4.07
C GLU A 291 -16.38 13.27 2.99
N ALA A 292 -16.47 12.18 2.21
CA ALA A 292 -15.47 11.79 1.20
C ALA A 292 -15.23 12.85 0.13
N SER A 293 -16.26 13.64 -0.20
CA SER A 293 -16.19 14.70 -1.20
C SER A 293 -15.39 15.92 -0.73
N PHE A 294 -15.20 16.05 0.60
CA PHE A 294 -14.43 17.16 1.18
C PHE A 294 -12.92 16.88 1.16
N ARG A 295 -12.54 15.61 0.89
CA ARG A 295 -11.14 15.19 0.81
C ARG A 295 -10.48 15.67 -0.50
N PRO A 296 -9.20 16.10 -0.46
CA PRO A 296 -8.50 16.43 -1.72
C PRO A 296 -8.31 15.17 -2.58
N THR A 297 -8.06 15.36 -3.87
CA THR A 297 -7.81 14.17 -4.69
C THR A 297 -6.28 13.99 -4.67
N PHE A 298 -5.74 12.91 -5.29
CA PHE A 298 -4.27 12.79 -5.36
C PHE A 298 -3.65 13.86 -6.28
N GLU A 299 -4.37 14.26 -7.36
CA GLU A 299 -3.90 15.35 -8.25
C GLU A 299 -3.79 16.67 -7.49
N ASN A 300 -4.75 16.98 -6.55
CA ASN A 300 -4.75 18.19 -5.69
C ASN A 300 -3.59 18.16 -4.70
N LEU A 301 -3.21 16.96 -4.27
CA LEU A 301 -2.16 16.79 -3.28
C LEU A 301 -0.77 17.03 -3.81
N ILE A 302 -0.50 16.61 -5.05
CA ILE A 302 0.81 16.76 -5.72
C ILE A 302 1.42 18.19 -5.67
N PRO A 303 0.72 19.29 -6.07
CA PRO A 303 1.35 20.63 -5.99
C PRO A 303 1.49 21.12 -4.56
N ILE A 304 0.59 20.62 -3.67
CA ILE A 304 0.60 20.97 -2.26
C ILE A 304 1.81 20.35 -1.59
N LEU A 305 2.03 19.04 -1.84
CA LEU A 305 3.16 18.33 -1.23
C LEU A 305 4.50 18.84 -1.77
N LYS A 306 4.56 19.14 -3.11
CA LYS A 306 5.71 19.73 -3.82
C LYS A 306 6.16 20.97 -3.07
N THR A 307 5.18 21.84 -2.75
CA THR A 307 5.39 23.10 -2.06
C THR A 307 5.78 22.95 -0.60
N VAL A 308 5.12 22.06 0.17
CA VAL A 308 5.48 21.81 1.59
C VAL A 308 6.91 21.14 1.66
N HIS A 309 7.28 20.34 0.65
CA HIS A 309 8.59 19.68 0.62
C HIS A 309 9.70 20.69 0.38
N GLU A 310 9.56 21.55 -0.66
CA GLU A 310 10.50 22.62 -1.00
C GLU A 310 10.71 23.43 0.26
N LYS A 311 9.62 23.79 0.95
CA LYS A 311 9.70 24.52 2.21
C LYS A 311 10.64 23.85 3.20
N TYR A 312 10.38 22.57 3.57
CA TYR A 312 11.21 21.87 4.55
C TYR A 312 12.62 21.51 4.10
N GLN A 313 12.80 21.25 2.79
CA GLN A 313 14.09 20.94 2.18
C GLN A 313 15.02 22.16 2.27
N GLY A 314 14.42 23.37 2.28
CA GLY A 314 15.14 24.63 2.40
C GLY A 314 15.34 25.07 3.87
N3 R5D B . 12.06 -5.54 -1.42
C4 R5D B . 11.76 -6.77 3.42
N2 R5D B . 13.53 -6.19 1.81
C7 R5D B . 9.90 -6.12 -4.18
C6 R5D B . 10.91 -5.87 -2.11
C9 R5D B . 8.66 -6.52 -2.13
C13 R5D B . 5.24 -6.72 -0.81
C8 R5D B . 8.72 -6.55 -3.55
N5 R5D B . 9.80 -6.23 -1.39
C18 R5D B . 2.69 -10.84 0.40
C16 R5D B . 2.65 -9.35 0.07
C19 R5D B . 1.70 -11.65 -0.24
C1 R5D B . 13.61 -5.84 0.50
C2 R5D B . 12.29 -5.85 -0.08
C3 R5D B . 11.41 -6.20 0.94
N1 R5D B . 12.21 -6.43 2.06
C5 R5D B . 11.44 -5.50 4.23
O1 R5D B . 10.33 -4.83 3.75
N4 R5D B . 11.00 -5.75 -3.51
N6 R5D B . 7.54 -6.76 -1.38
C10 R5D B . 7.52 -6.48 0.07
C11 R5D B . 6.05 -6.36 0.43
C12 R5D B . 5.23 -5.29 -0.28
C14 R5D B . 6.19 -6.95 -1.98
N7 R5D B . 4.05 -7.51 -0.76
C15 R5D B . 4.00 -8.69 -0.02
O2 R5D B . 4.99 -9.15 0.52
C17 R5D B . 2.24 -9.83 1.44
N8 R5D B . 0.90 -12.31 -0.77
F1 R5D B . 7.71 -6.96 -4.30
H11 R5D B . 12.87 -5.24 -1.96
H7 R5D B . 12.54 -7.37 3.93
H6 R5D B . 10.86 -7.43 3.34
H12 R5D B . 9.98 -6.07 -5.27
H3 R5D B . 3.66 -11.36 0.52
H2 R5D B . 1.87 -8.97 -0.62
H4 R5D B . 14.55 -5.61 0.02
H5 R5D B . 10.33 -6.32 0.95
H8 R5D B . 12.26 -4.75 4.17
H9 R5D B . 11.34 -5.77 5.32
H10 R5D B . 9.55 -5.39 3.92
H14 R5D B . 8.06 -5.54 0.33
H13 R5D B . 8.01 -7.30 0.62
H1 R5D B . 5.77 -6.69 1.44
H16 R5D B . 4.34 -4.90 0.21
H15 R5D B . 5.72 -4.50 -0.85
H17 R5D B . 5.97 -6.22 -2.79
H18 R5D B . 6.09 -7.96 -2.42
H19 R5D B . 3.24 -7.14 -1.24
H20 R5D B . 2.89 -9.65 2.32
H21 R5D B . 1.19 -9.77 1.74
#